data_5N3E
#
_entry.id   5N3E
#
_cell.length_a   58.631
_cell.length_b   72.297
_cell.length_c   108.576
_cell.angle_alpha   90.00
_cell.angle_beta   90.00
_cell.angle_gamma   90.00
#
_symmetry.space_group_name_H-M   'P 21 21 21'
#
loop_
_entity.id
_entity.type
_entity.pdbx_description
1 polymer 'cAMP-dependent protein kinase catalytic subunit alpha'
2 polymer 'cAMP-dependent protein kinase inhibitor'
3 non-polymer '6-(dimethylamino)pyridine-3-carboxylic acid'
4 non-polymer (4S)-2-METHYL-2,4-PENTANEDIOL
5 non-polymer 'DIMETHYL SULFOXIDE'
6 water water
#
loop_
_entity_poly.entity_id
_entity_poly.type
_entity_poly.pdbx_seq_one_letter_code
_entity_poly.pdbx_strand_id
1 'polypeptide(L)'
;GHMGNAAAAKKG(SEP)EQESVKEFLAKAKEEFLKKWESPSQNTAQLDHFDRIKTLGTGSFGRVMLVKHKETGNHYAMKI
LDKQKVVKLKQIEHTLNEKRILQAVNFPFLVKLEFSFKDNSNLYMVMEYVPGGEMFSHLRRIGRF(SEP)EPHARFYAAQ
IVLTFEYLHSLDLIYRDLKPENLLIDQQGYIQVTDFGFAKRVKGRTW(TPO)LCGTPEYLAPEIILSKGYNKAVDWWALG
VLIYEMAAGYPPFFADQPIQIYEKIVSGKVRFPSHFSSDLKDLLRNLLQVDLTKRFGNLKNGVNDIKNHKWFATTDWIAI
YQRKVEAPFIPKFKGPGDTSNFDDYEEEEIRV(SEP)INEKCGKEFTEF
;
A
2 'polypeptide(L)' IAAGRTGRRQAIHDILVAA B
#
# COMPACT_ATOMS: atom_id res chain seq x y z
N GLY A 1 -2.06 -18.90 -32.03
CA GLY A 1 -2.35 -18.55 -30.62
C GLY A 1 -2.87 -17.13 -30.50
N HIS A 2 -2.90 -16.58 -29.28
CA HIS A 2 -3.35 -15.21 -29.11
C HIS A 2 -2.31 -14.21 -29.62
N MET A 3 -1.04 -14.54 -29.52
CA MET A 3 0.04 -13.69 -30.01
C MET A 3 0.63 -14.28 -31.28
N GLY A 4 0.99 -13.41 -32.22
CA GLY A 4 1.80 -13.80 -33.34
C GLY A 4 3.25 -13.96 -32.94
N ASN A 5 4.07 -14.33 -33.92
CA ASN A 5 5.49 -14.57 -33.65
C ASN A 5 6.17 -13.34 -33.07
N ALA A 6 5.95 -12.18 -33.70
CA ALA A 6 6.65 -10.97 -33.26
C ALA A 6 6.20 -10.54 -31.86
N ALA A 7 4.91 -10.61 -31.59
CA ALA A 7 4.40 -10.19 -30.29
C ALA A 7 4.91 -11.09 -29.17
N ALA A 8 4.99 -12.40 -29.44
CA ALA A 8 5.43 -13.34 -28.42
C ALA A 8 6.91 -13.15 -28.08
N ALA A 9 7.75 -12.96 -29.10
CA ALA A 9 9.17 -12.74 -28.85
C ALA A 9 9.40 -11.45 -28.07
N LYS A 10 8.63 -10.41 -28.37
CA LYS A 10 8.77 -9.15 -27.64
C LYS A 10 8.36 -9.33 -26.18
N LYS A 11 7.29 -10.09 -25.93
CA LYS A 11 6.88 -10.33 -24.55
C LYS A 11 7.93 -11.12 -23.78
N GLY A 12 8.50 -12.13 -24.41
CA GLY A 12 9.54 -12.92 -23.78
C GLY A 12 10.73 -12.08 -23.39
N GLU A 14 10.75 -8.98 -22.87
CA GLU A 14 10.29 -8.09 -21.80
C GLU A 14 10.40 -8.76 -20.44
N GLN A 15 10.07 -10.05 -20.41
N GLN A 15 10.06 -10.05 -20.40
CA GLN A 15 10.10 -10.77 -19.14
CA GLN A 15 10.11 -10.76 -19.12
C GLN A 15 11.53 -11.10 -18.71
C GLN A 15 11.54 -11.07 -18.69
N GLU A 16 12.45 -11.25 -19.65
CA GLU A 16 13.86 -11.42 -19.29
C GLU A 16 14.43 -10.10 -18.74
N SER A 17 13.99 -8.98 -19.30
CA SER A 17 14.39 -7.68 -18.76
C SER A 17 13.84 -7.47 -17.34
N VAL A 18 12.64 -7.97 -17.05
CA VAL A 18 12.14 -7.86 -15.69
C VAL A 18 13.06 -8.61 -14.72
N LYS A 19 13.42 -9.84 -15.09
CA LYS A 19 14.31 -10.63 -14.25
C LYS A 19 15.60 -9.87 -13.98
N GLU A 20 16.16 -9.26 -15.02
CA GLU A 20 17.39 -8.50 -14.89
C GLU A 20 17.20 -7.31 -13.93
N PHE A 21 16.09 -6.59 -14.06
CA PHE A 21 15.83 -5.46 -13.19
C PHE A 21 15.70 -5.91 -11.74
N LEU A 22 14.95 -6.98 -11.51
CA LEU A 22 14.69 -7.39 -10.14
C LEU A 22 15.95 -7.92 -9.47
N ALA A 23 16.85 -8.52 -10.24
CA ALA A 23 18.09 -9.00 -9.66
C ALA A 23 18.92 -7.82 -9.17
N LYS A 24 19.00 -6.75 -9.96
CA LYS A 24 19.73 -5.56 -9.54
C LYS A 24 19.04 -4.89 -8.36
N ALA A 25 17.71 -4.85 -8.38
CA ALA A 25 16.96 -4.25 -7.27
C ALA A 25 17.19 -5.01 -5.97
N LYS A 26 17.33 -6.32 -6.04
CA LYS A 26 17.56 -7.11 -4.83
C LYS A 26 18.95 -6.82 -4.28
N GLU A 27 19.94 -6.66 -5.16
CA GLU A 27 21.28 -6.31 -4.69
C GLU A 27 21.26 -4.97 -3.96
N GLU A 28 20.58 -3.97 -4.53
CA GLU A 28 20.55 -2.66 -3.89
C GLU A 28 19.78 -2.69 -2.58
N PHE A 29 18.66 -3.41 -2.54
CA PHE A 29 17.88 -3.51 -1.32
C PHE A 29 18.69 -4.14 -0.20
N LEU A 30 19.37 -5.25 -0.47
CA LEU A 30 20.07 -5.98 0.59
C LEU A 30 21.15 -5.13 1.21
N LYS A 31 21.85 -4.32 0.41
CA LYS A 31 22.88 -3.45 0.96
C LYS A 31 22.31 -2.52 2.02
N LYS A 32 21.11 -1.97 1.77
CA LYS A 32 20.48 -1.08 2.74
C LYS A 32 19.79 -1.86 3.86
N TRP A 33 19.35 -3.08 3.59
CA TRP A 33 18.63 -3.87 4.58
C TRP A 33 19.57 -4.38 5.67
N GLU A 34 20.83 -4.64 5.30
CA GLU A 34 21.81 -5.13 6.24
C GLU A 34 22.47 -4.01 7.05
N SER A 35 22.27 -2.74 6.66
CA SER A 35 22.93 -1.61 7.31
C SER A 35 21.99 -0.42 7.32
N PRO A 36 20.96 -0.45 8.17
CA PRO A 36 19.97 0.63 8.19
C PRO A 36 20.55 1.99 8.62
N GLN A 38 19.45 5.57 10.94
CA GLN A 38 18.85 5.83 12.24
C GLN A 38 19.32 7.17 12.81
N ASN A 39 18.41 7.86 13.51
CA ASN A 39 18.72 9.13 14.20
C ASN A 39 19.29 10.16 13.22
N THR A 40 18.55 10.38 12.13
CA THR A 40 18.96 11.28 11.07
C THR A 40 18.37 12.69 11.20
N ALA A 41 17.72 12.99 12.33
CA ALA A 41 17.19 14.33 12.58
C ALA A 41 16.69 14.37 14.02
N GLN A 42 16.06 15.48 14.41
CA GLN A 42 15.44 15.59 15.71
C GLN A 42 14.26 16.54 15.62
N LEU A 43 13.39 16.47 16.64
CA LEU A 43 12.08 17.07 16.53
C LEU A 43 12.14 18.58 16.31
N ASP A 44 13.04 19.27 17.02
CA ASP A 44 13.10 20.72 16.95
C ASP A 44 13.65 21.23 15.63
N HIS A 45 14.01 20.34 14.70
CA HIS A 45 14.40 20.75 13.36
C HIS A 45 13.22 21.07 12.46
N PHE A 46 11.99 20.85 12.94
CA PHE A 46 10.80 20.98 12.11
C PHE A 46 9.76 21.84 12.81
N ASP A 47 9.05 22.66 12.02
CA ASP A 47 7.81 23.28 12.45
C ASP A 47 6.65 22.38 12.09
N ARG A 48 5.75 22.16 13.05
CA ARG A 48 4.59 21.31 12.79
C ARG A 48 3.43 22.19 12.34
N ILE A 49 2.81 21.81 11.22
CA ILE A 49 1.86 22.67 10.50
C ILE A 49 0.43 22.17 10.67
N LYS A 50 0.16 20.93 10.26
CA LYS A 50 -1.22 20.46 10.18
C LYS A 50 -1.23 18.94 10.22
N THR A 51 -2.25 18.37 10.85
CA THR A 51 -2.44 16.93 10.81
C THR A 51 -3.08 16.51 9.49
N LEU A 52 -2.45 15.53 8.82
CA LEU A 52 -2.91 15.03 7.54
C LEU A 52 -3.68 13.71 7.66
N GLY A 53 -3.59 13.04 8.79
CA GLY A 53 -4.27 11.78 8.99
C GLY A 53 -3.99 11.29 10.40
N THR A 54 -4.89 10.43 10.88
CA THR A 54 -4.81 9.93 12.25
C THR A 54 -5.11 8.44 12.29
N GLY A 55 -4.49 7.77 13.26
CA GLY A 55 -4.74 6.37 13.55
C GLY A 55 -4.70 6.13 15.05
N SER A 56 -4.79 4.86 15.47
CA SER A 56 -4.86 4.56 16.90
C SER A 56 -3.55 4.81 17.63
N PHE A 57 -2.43 4.92 16.92
CA PHE A 57 -1.12 5.08 17.56
C PHE A 57 -0.54 6.48 17.41
N GLY A 58 -1.17 7.36 16.65
CA GLY A 58 -0.63 8.68 16.45
C GLY A 58 -1.23 9.39 15.25
N ARG A 59 -0.40 10.09 14.50
CA ARG A 59 -0.88 10.91 13.41
C ARG A 59 0.25 11.11 12.42
N VAL A 60 -0.12 11.60 11.24
CA VAL A 60 0.84 12.09 10.26
C VAL A 60 0.59 13.59 10.12
N MET A 61 1.66 14.37 10.21
CA MET A 61 1.56 15.82 10.17
C MET A 61 2.38 16.35 9.03
N LEU A 62 1.85 17.38 8.36
CA LEU A 62 2.69 18.22 7.53
C LEU A 62 3.65 18.97 8.44
N VAL A 63 4.93 18.92 8.13
CA VAL A 63 5.94 19.67 8.88
C VAL A 63 6.80 20.41 7.87
N LYS A 64 7.50 21.44 8.37
CA LYS A 64 8.41 22.23 7.56
C LYS A 64 9.78 22.20 8.22
N HIS A 65 10.78 21.73 7.47
CA HIS A 65 12.15 21.75 7.95
C HIS A 65 12.62 23.19 8.09
N LYS A 66 13.05 23.56 9.29
CA LYS A 66 13.33 24.96 9.58
C LYS A 66 14.48 25.48 8.73
N GLU A 67 15.55 24.69 8.58
CA GLU A 67 16.74 25.18 7.89
C GLU A 67 16.48 25.35 6.40
N THR A 68 15.95 24.31 5.74
CA THR A 68 15.82 24.31 4.29
C THR A 68 14.46 24.82 3.82
N GLY A 69 13.45 24.84 4.69
CA GLY A 69 12.11 25.22 4.30
C GLY A 69 11.35 24.17 3.52
N ASN A 70 11.95 23.00 3.28
CA ASN A 70 11.25 21.94 2.59
C ASN A 70 10.17 21.35 3.49
N HIS A 71 9.08 20.92 2.87
CA HIS A 71 7.99 20.30 3.59
C HIS A 71 8.12 18.79 3.55
N TYR A 72 7.62 18.15 4.60
CA TYR A 72 7.66 16.70 4.74
C TYR A 72 6.39 16.27 5.45
N ALA A 73 6.11 14.97 5.38
CA ALA A 73 5.08 14.35 6.19
C ALA A 73 5.74 13.57 7.32
N MET A 74 5.40 13.90 8.56
CA MET A 74 6.00 13.28 9.74
C MET A 74 4.98 12.37 10.41
N LYS A 75 5.28 11.07 10.41
CA LYS A 75 4.48 10.12 11.16
C LYS A 75 5.00 10.09 12.60
N ILE A 76 4.10 10.33 13.55
CA ILE A 76 4.44 10.36 14.98
C ILE A 76 3.71 9.19 15.62
N LEU A 77 4.47 8.30 16.24
CA LEU A 77 3.91 7.17 16.97
C LEU A 77 4.19 7.34 18.46
N ASP A 78 3.13 7.30 19.26
CA ASP A 78 3.25 7.34 20.71
C ASP A 78 3.72 5.97 21.20
N LYS A 79 4.94 5.91 21.72
CA LYS A 79 5.50 4.61 22.13
C LYS A 79 4.57 3.90 23.11
N GLN A 80 3.94 4.66 24.01
CA GLN A 80 3.04 4.08 25.01
C GLN A 80 1.70 3.66 24.43
N LYS A 81 1.36 4.08 23.22
CA LYS A 81 0.22 3.51 22.51
C LYS A 81 0.62 2.26 21.74
N VAL A 82 1.89 2.10 21.42
CA VAL A 82 2.37 0.92 20.67
C VAL A 82 2.70 -0.11 21.73
N VAL A 83 1.65 -0.77 22.24
CA VAL A 83 1.75 -1.56 23.45
C VAL A 83 1.72 -3.06 23.16
N LYS A 84 0.87 -3.51 22.25
CA LYS A 84 0.72 -4.93 21.98
C LYS A 84 1.94 -5.47 21.25
N LEU A 85 2.20 -6.77 21.43
CA LEU A 85 3.42 -7.38 20.90
C LEU A 85 3.55 -7.15 19.40
N LYS A 86 2.49 -7.47 18.65
N LYS A 86 2.51 -7.48 18.64
CA LYS A 86 2.59 -7.32 17.20
CA LYS A 86 2.60 -7.31 17.19
C LYS A 86 2.60 -5.85 16.78
C LYS A 86 2.58 -5.85 16.78
N GLN A 87 2.02 -4.96 17.59
CA GLN A 87 2.13 -3.54 17.30
C GLN A 87 3.59 -3.09 17.32
N ILE A 88 4.39 -3.62 18.27
CA ILE A 88 5.80 -3.25 18.40
C ILE A 88 6.63 -3.79 17.22
N GLU A 89 6.56 -5.10 16.98
CA GLU A 89 7.34 -5.73 15.91
C GLU A 89 7.03 -5.08 14.57
N HIS A 90 5.77 -4.73 14.37
CA HIS A 90 5.34 -4.13 13.11
C HIS A 90 5.96 -2.76 12.89
N THR A 91 6.14 -1.99 13.97
CA THR A 91 6.76 -0.67 13.84
C THR A 91 8.22 -0.79 13.43
N LEU A 92 8.91 -1.79 13.96
CA LEU A 92 10.29 -2.03 13.54
C LEU A 92 10.36 -2.48 12.08
N ASN A 93 9.43 -3.37 11.66
CA ASN A 93 9.32 -3.73 10.25
C ASN A 93 9.21 -2.50 9.38
N GLU A 94 8.31 -1.60 9.75
CA GLU A 94 7.99 -0.46 8.90
C GLU A 94 9.22 0.38 8.62
N LYS A 95 9.94 0.79 9.69
CA LYS A 95 11.11 1.63 9.52
C LYS A 95 12.17 0.94 8.69
N ARG A 96 12.47 -0.31 9.02
CA ARG A 96 13.58 -0.98 8.35
C ARG A 96 13.29 -1.19 6.88
N ILE A 97 12.05 -1.54 6.53
CA ILE A 97 11.70 -1.75 5.13
C ILE A 97 11.76 -0.43 4.37
N LEU A 98 11.19 0.64 4.95
CA LEU A 98 11.12 1.90 4.24
C LEU A 98 12.49 2.49 3.96
N GLN A 99 13.43 2.34 4.89
CA GLN A 99 14.76 2.87 4.63
C GLN A 99 15.50 2.08 3.55
N ALA A 100 15.06 0.86 3.23
CA ALA A 100 15.78 0.00 2.31
C ALA A 100 15.20 -0.06 0.90
N VAL A 101 13.91 0.22 0.72
CA VAL A 101 13.29 0.07 -0.60
C VAL A 101 13.51 1.33 -1.44
N ASN A 102 13.30 1.18 -2.74
CA ASN A 102 13.41 2.29 -3.68
C ASN A 102 12.61 1.92 -4.92
N PHE A 103 11.49 2.62 -5.14
CA PHE A 103 10.64 2.34 -6.30
C PHE A 103 9.80 3.58 -6.56
N PRO A 104 9.43 3.86 -7.82
CA PRO A 104 8.80 5.17 -8.09
C PRO A 104 7.44 5.35 -7.47
N PHE A 105 6.78 4.27 -7.06
CA PHE A 105 5.45 4.36 -6.49
C PHE A 105 5.43 4.06 -4.99
N LEU A 106 6.58 4.14 -4.33
CA LEU A 106 6.69 3.99 -2.90
C LEU A 106 7.13 5.31 -2.29
N VAL A 107 6.43 5.76 -1.26
CA VAL A 107 6.82 7.01 -0.59
C VAL A 107 8.23 6.88 -0.04
N LYS A 108 9.01 7.94 -0.17
CA LYS A 108 10.40 7.94 0.24
C LYS A 108 10.56 8.42 1.68
N LEU A 109 11.23 7.61 2.49
CA LEU A 109 11.56 8.02 3.85
C LEU A 109 12.83 8.86 3.83
N GLU A 110 12.79 10.00 4.51
CA GLU A 110 13.89 10.96 4.55
C GLU A 110 14.64 10.95 5.86
N PHE A 111 13.93 10.87 6.99
CA PHE A 111 14.56 10.85 8.31
C PHE A 111 13.76 9.93 9.23
N SER A 112 14.44 9.40 10.25
CA SER A 112 13.76 8.71 11.33
C SER A 112 14.53 8.99 12.62
N PHE A 113 13.80 9.12 13.72
CA PHE A 113 14.42 9.35 15.02
C PHE A 113 13.38 9.07 16.09
N LYS A 114 13.81 9.17 17.36
CA LYS A 114 12.91 8.88 18.46
C LYS A 114 13.30 9.75 19.64
N ASP A 115 12.37 9.91 20.57
CA ASP A 115 12.68 10.66 21.79
C ASP A 115 12.07 9.88 22.96
N ASN A 116 11.92 10.57 24.11
CA ASN A 116 11.43 9.88 25.30
C ASN A 116 10.04 9.31 25.11
N SER A 117 9.20 9.95 24.31
CA SER A 117 7.80 9.58 24.22
C SER A 117 7.40 8.95 22.89
N ASN A 118 8.03 9.35 21.79
CA ASN A 118 7.50 9.04 20.46
C ASN A 118 8.58 8.46 19.54
N LEU A 119 8.09 7.80 18.49
CA LEU A 119 8.89 7.43 17.32
C LEU A 119 8.46 8.33 16.18
N TYR A 120 9.41 8.68 15.31
CA TYR A 120 9.16 9.61 14.22
C TYR A 120 9.71 9.06 12.91
N MET A 121 8.90 9.11 11.86
CA MET A 121 9.34 8.80 10.51
C MET A 121 8.95 9.96 9.61
N VAL A 122 9.94 10.58 8.97
CA VAL A 122 9.74 11.78 8.17
C VAL A 122 9.86 11.39 6.72
N MET A 123 8.78 11.57 5.97
CA MET A 123 8.65 11.10 4.60
C MET A 123 8.45 12.27 3.64
N GLU A 124 8.65 12.00 2.35
CA GLU A 124 8.26 12.95 1.33
C GLU A 124 6.78 13.30 1.47
N TYR A 125 6.46 14.59 1.34
CA TYR A 125 5.08 15.04 1.35
C TYR A 125 4.49 14.90 -0.04
N VAL A 126 3.33 14.26 -0.12
CA VAL A 126 2.65 13.98 -1.38
C VAL A 126 1.35 14.80 -1.37
N PRO A 127 1.30 15.95 -2.02
CA PRO A 127 0.24 16.92 -1.75
C PRO A 127 -1.09 16.62 -2.43
N GLY A 128 -1.16 15.63 -3.31
CA GLY A 128 -2.41 15.39 -4.02
C GLY A 128 -3.49 14.70 -3.20
N GLY A 129 -3.18 14.26 -1.99
CA GLY A 129 -4.18 13.64 -1.13
C GLY A 129 -4.28 12.14 -1.36
N GLU A 130 -5.16 11.52 -0.56
CA GLU A 130 -5.44 10.10 -0.63
C GLU A 130 -6.36 9.76 -1.79
N MET A 131 -6.06 8.66 -2.48
CA MET A 131 -7.01 8.13 -3.46
C MET A 131 -8.39 8.02 -2.84
N PHE A 132 -8.45 7.63 -1.57
CA PHE A 132 -9.71 7.43 -0.87
C PHE A 132 -10.64 8.62 -1.03
N SER A 133 -10.15 9.83 -0.71
N SER A 133 -10.16 9.84 -0.76
CA SER A 133 -10.99 11.02 -0.79
CA SER A 133 -11.11 10.95 -0.76
C SER A 133 -11.53 11.21 -2.18
C SER A 133 -11.51 11.36 -2.18
N HIS A 134 -10.63 11.17 -3.17
CA HIS A 134 -11.01 11.42 -4.56
C HIS A 134 -12.06 10.40 -5.02
N LEU A 135 -11.86 9.14 -4.67
CA LEU A 135 -12.81 8.09 -5.04
C LEU A 135 -14.17 8.31 -4.40
N ARG A 136 -14.20 8.64 -3.10
CA ARG A 136 -15.48 8.88 -2.44
C ARG A 136 -16.18 10.11 -3.00
N ARG A 137 -15.41 11.11 -3.42
CA ARG A 137 -15.97 12.35 -3.95
C ARG A 137 -16.60 12.12 -5.32
N ILE A 138 -15.90 11.41 -6.21
CA ILE A 138 -16.40 11.21 -7.56
C ILE A 138 -17.34 10.01 -7.67
N GLY A 139 -17.26 9.07 -6.73
CA GLY A 139 -18.10 7.89 -6.74
C GLY A 139 -17.33 6.66 -7.16
N ARG A 140 -16.98 6.59 -8.45
CA ARG A 140 -16.18 5.48 -8.95
C ARG A 140 -15.31 6.00 -10.09
N PHE A 141 -14.24 5.25 -10.37
CA PHE A 141 -13.36 5.52 -11.49
C PHE A 141 -13.77 4.68 -12.71
N GLU A 143 -13.07 2.34 -16.03
CA GLU A 143 -12.12 1.24 -16.06
C GLU A 143 -10.69 1.66 -16.52
N PRO A 144 -10.56 2.54 -17.53
CA PRO A 144 -9.18 2.99 -17.88
C PRO A 144 -8.49 3.71 -16.73
N HIS A 145 -9.25 4.48 -15.95
CA HIS A 145 -8.71 5.21 -14.82
C HIS A 145 -8.29 4.25 -13.72
N ALA A 146 -9.17 3.32 -13.36
CA ALA A 146 -8.84 2.28 -12.40
C ALA A 146 -7.62 1.47 -12.86
N ARG A 147 -7.57 1.17 -14.16
CA ARG A 147 -6.48 0.35 -14.71
C ARG A 147 -5.12 1.05 -14.55
N PHE A 148 -5.09 2.36 -14.78
CA PHE A 148 -3.86 3.13 -14.63
C PHE A 148 -3.30 3.00 -13.22
N TYR A 149 -4.16 3.11 -12.21
CA TYR A 149 -3.71 2.94 -10.84
C TYR A 149 -3.36 1.49 -10.55
N ALA A 150 -4.20 0.55 -11.01
CA ALA A 150 -3.95 -0.86 -10.74
C ALA A 150 -2.59 -1.30 -11.29
N ALA A 151 -2.22 -0.80 -12.47
CA ALA A 151 -0.94 -1.20 -13.06
C ALA A 151 0.22 -0.80 -12.17
N GLN A 152 0.13 0.36 -11.52
CA GLN A 152 1.18 0.80 -10.62
C GLN A 152 1.27 -0.11 -9.40
N ILE A 153 0.13 -0.55 -8.87
CA ILE A 153 0.16 -1.48 -7.75
C ILE A 153 0.74 -2.83 -8.17
N VAL A 154 0.39 -3.32 -9.37
CA VAL A 154 0.94 -4.59 -9.84
C VAL A 154 2.46 -4.53 -9.88
N LEU A 155 3.00 -3.45 -10.47
CA LEU A 155 4.45 -3.30 -10.54
C LEU A 155 5.06 -3.17 -9.16
N THR A 156 4.39 -2.44 -8.25
CA THR A 156 4.93 -2.26 -6.92
C THR A 156 4.98 -3.57 -6.15
N PHE A 157 3.92 -4.38 -6.28
CA PHE A 157 3.92 -5.69 -5.64
C PHE A 157 4.93 -6.64 -6.30
N GLU A 158 5.08 -6.59 -7.62
CA GLU A 158 6.13 -7.41 -8.23
C GLU A 158 7.48 -7.07 -7.63
N TYR A 159 7.77 -5.78 -7.47
CA TYR A 159 8.99 -5.34 -6.82
C TYR A 159 9.09 -5.84 -5.38
N LEU A 160 8.08 -5.54 -4.56
CA LEU A 160 8.17 -5.90 -3.15
C LEU A 160 8.28 -7.40 -2.98
N HIS A 161 7.46 -8.18 -3.72
CA HIS A 161 7.47 -9.63 -3.51
C HIS A 161 8.79 -10.26 -3.93
N SER A 162 9.47 -9.66 -4.91
CA SER A 162 10.77 -10.19 -5.34
C SER A 162 11.81 -10.04 -4.24
N LEU A 163 11.60 -9.08 -3.33
CA LEU A 163 12.44 -8.87 -2.16
C LEU A 163 11.95 -9.67 -0.97
N ASP A 164 10.96 -10.53 -1.17
CA ASP A 164 10.32 -11.30 -0.10
C ASP A 164 9.59 -10.40 0.89
N LEU A 165 9.07 -9.29 0.42
CA LEU A 165 8.29 -8.37 1.24
C LEU A 165 6.82 -8.50 0.90
N ILE A 166 5.99 -8.70 1.92
CA ILE A 166 4.54 -8.63 1.78
C ILE A 166 4.07 -7.30 2.34
N TYR A 167 3.08 -6.69 1.71
CA TYR A 167 2.64 -5.33 2.06
C TYR A 167 1.50 -5.34 3.10
N ARG A 168 0.46 -6.11 2.83
CA ARG A 168 -0.59 -6.47 3.80
C ARG A 168 -1.50 -5.33 4.24
N ASP A 169 -1.52 -4.17 3.61
CA ASP A 169 -2.56 -3.19 3.95
C ASP A 169 -2.96 -2.35 2.74
N LEU A 170 -3.10 -2.99 1.58
CA LEU A 170 -3.60 -2.26 0.43
C LEU A 170 -5.03 -1.78 0.64
N LYS A 171 -5.27 -0.52 0.35
CA LYS A 171 -6.58 0.12 0.35
C LYS A 171 -6.43 1.55 -0.13
N PRO A 172 -7.50 2.20 -0.61
CA PRO A 172 -7.35 3.56 -1.13
C PRO A 172 -6.83 4.57 -0.11
N GLU A 173 -7.08 4.35 1.19
CA GLU A 173 -6.59 5.25 2.23
C GLU A 173 -5.07 5.35 2.22
N ASN A 174 -4.37 4.31 1.73
CA ASN A 174 -2.92 4.24 1.81
C ASN A 174 -2.25 4.61 0.50
N LEU A 175 -3.00 5.09 -0.48
CA LEU A 175 -2.50 5.39 -1.82
C LEU A 175 -2.63 6.89 -2.04
N LEU A 176 -1.49 7.58 -2.06
CA LEU A 176 -1.47 9.02 -2.24
C LEU A 176 -1.24 9.33 -3.71
N ILE A 177 -1.80 10.45 -4.14
CA ILE A 177 -1.68 10.88 -5.55
C ILE A 177 -0.67 12.01 -5.61
N ASP A 178 0.37 11.86 -6.43
CA ASP A 178 1.43 12.86 -6.48
C ASP A 178 1.10 13.93 -7.53
N GLN A 179 2.02 14.88 -7.70
CA GLN A 179 1.73 16.04 -8.55
C GLN A 179 1.61 15.67 -10.02
N GLN A 180 2.05 14.48 -10.44
CA GLN A 180 1.87 14.04 -11.81
C GLN A 180 0.68 13.08 -11.96
N GLY A 181 -0.09 12.85 -10.90
CA GLY A 181 -1.21 11.94 -10.96
C GLY A 181 -0.88 10.49 -10.75
N TYR A 182 0.36 10.17 -10.39
CA TYR A 182 0.76 8.80 -10.11
C TYR A 182 0.61 8.51 -8.62
N ILE A 183 0.65 7.23 -8.29
CA ILE A 183 0.44 6.74 -6.93
C ILE A 183 1.75 6.72 -6.16
N GLN A 184 1.64 7.02 -4.87
CA GLN A 184 2.67 6.77 -3.88
C GLN A 184 2.08 5.95 -2.75
N VAL A 185 2.55 4.72 -2.57
CA VAL A 185 2.08 3.87 -1.48
C VAL A 185 2.74 4.32 -0.19
N THR A 186 1.92 4.47 0.86
CA THR A 186 2.41 4.82 2.16
C THR A 186 1.88 3.82 3.18
N ASP A 187 2.40 3.95 4.40
N ASP A 187 2.34 4.00 4.40
CA ASP A 187 1.97 3.19 5.58
CA ASP A 187 1.99 3.15 5.53
C ASP A 187 2.40 1.72 5.49
C ASP A 187 2.47 1.73 5.30
N PHE A 188 3.69 1.47 5.75
CA PHE A 188 4.26 0.14 5.72
C PHE A 188 4.18 -0.54 7.09
N GLY A 189 3.20 -0.12 7.91
CA GLY A 189 3.06 -0.65 9.25
C GLY A 189 2.77 -2.13 9.31
N PHE A 190 2.24 -2.72 8.24
CA PHE A 190 1.98 -4.15 8.21
C PHE A 190 2.92 -4.89 7.26
N ALA A 191 3.84 -4.18 6.61
CA ALA A 191 4.79 -4.83 5.71
C ALA A 191 5.79 -5.68 6.46
N LYS A 192 6.21 -6.78 5.84
CA LYS A 192 7.08 -7.74 6.53
C LYS A 192 7.90 -8.53 5.51
N ARG A 193 9.14 -8.84 5.87
CA ARG A 193 9.94 -9.77 5.09
C ARG A 193 9.57 -11.20 5.48
N VAL A 194 9.09 -11.98 4.49
CA VAL A 194 8.51 -13.29 4.69
C VAL A 194 9.05 -14.17 3.58
N LYS A 195 9.84 -15.18 3.92
CA LYS A 195 10.38 -16.04 2.86
C LYS A 195 9.39 -17.10 2.43
N GLY A 196 8.47 -17.47 3.29
CA GLY A 196 7.44 -18.44 2.96
C GLY A 196 6.10 -18.02 3.53
N ARG A 197 5.72 -18.57 4.68
N ARG A 197 5.74 -18.58 4.69
CA ARG A 197 4.44 -18.23 5.32
CA ARG A 197 4.48 -18.26 5.35
C ARG A 197 4.67 -17.38 6.56
C ARG A 197 4.70 -17.30 6.51
N THR A 198 3.61 -16.68 6.93
CA THR A 198 3.57 -15.91 8.17
C THR A 198 2.18 -16.07 8.75
N TRP A 199 2.01 -15.69 10.02
CA TRP A 199 0.81 -16.10 10.75
C TRP A 199 0.05 -14.95 11.45
N LEU A 201 -2.52 -12.25 12.45
CA LEU A 201 -3.85 -11.86 12.00
C LEU A 201 -3.88 -10.35 11.93
N CYS A 202 -3.67 -9.75 10.75
CA CYS A 202 -3.62 -8.31 10.66
C CYS A 202 -4.05 -7.87 9.27
N GLY A 203 -4.46 -6.60 9.18
CA GLY A 203 -4.89 -5.94 7.98
C GLY A 203 -6.18 -5.20 8.21
N THR A 204 -6.84 -4.84 7.11
CA THR A 204 -8.09 -4.09 7.18
C THR A 204 -9.22 -5.00 6.76
N PRO A 205 -10.30 -5.15 7.56
CA PRO A 205 -11.31 -6.18 7.30
C PRO A 205 -11.75 -6.38 5.84
N GLU A 206 -12.17 -5.31 5.18
CA GLU A 206 -12.67 -5.43 3.81
C GLU A 206 -11.64 -6.00 2.84
N TYR A 207 -10.35 -5.90 3.16
CA TYR A 207 -9.28 -6.28 2.25
C TYR A 207 -8.59 -7.59 2.64
N LEU A 208 -9.04 -8.26 3.70
CA LEU A 208 -8.41 -9.49 4.18
C LEU A 208 -8.72 -10.68 3.28
N ALA A 209 -7.69 -11.41 2.89
CA ALA A 209 -7.88 -12.66 2.20
C ALA A 209 -8.51 -13.70 3.12
N PRO A 210 -9.24 -14.67 2.57
CA PRO A 210 -9.89 -15.68 3.43
C PRO A 210 -8.91 -16.43 4.32
N GLU A 211 -7.73 -16.74 3.83
CA GLU A 211 -6.79 -17.52 4.63
C GLU A 211 -6.32 -16.74 5.85
N ILE A 212 -6.29 -15.40 5.81
CA ILE A 212 -5.99 -14.65 7.03
C ILE A 212 -7.11 -14.82 8.03
N ILE A 213 -8.35 -14.62 7.60
CA ILE A 213 -9.52 -14.72 8.49
C ILE A 213 -9.61 -16.11 9.12
N LEU A 214 -9.24 -17.14 8.38
CA LEU A 214 -9.34 -18.51 8.86
C LEU A 214 -8.11 -18.95 9.65
N SER A 215 -7.24 -18.02 10.03
CA SER A 215 -6.11 -18.35 10.92
C SER A 215 -5.21 -19.41 10.30
N LYS A 216 -5.06 -19.34 8.99
CA LYS A 216 -4.14 -20.19 8.25
C LYS A 216 -2.84 -19.42 8.03
N GLY A 217 -1.71 -20.12 8.11
CA GLY A 217 -0.47 -19.53 7.65
C GLY A 217 -0.59 -19.16 6.19
N TYR A 218 -0.10 -17.97 5.85
CA TYR A 218 -0.37 -17.40 4.54
C TYR A 218 0.88 -16.76 3.97
N ASN A 219 0.82 -16.40 2.68
CA ASN A 219 1.99 -15.88 1.97
C ASN A 219 1.62 -14.64 1.18
N LYS A 220 2.49 -14.26 0.24
CA LYS A 220 2.32 -13.03 -0.53
C LYS A 220 1.05 -13.02 -1.37
N ALA A 221 0.40 -14.17 -1.56
CA ALA A 221 -0.85 -14.17 -2.32
C ALA A 221 -1.94 -13.35 -1.65
N VAL A 222 -1.82 -13.04 -0.36
CA VAL A 222 -2.83 -12.18 0.24
C VAL A 222 -2.80 -10.79 -0.38
N ASP A 223 -1.64 -10.34 -0.89
CA ASP A 223 -1.57 -9.04 -1.54
C ASP A 223 -2.29 -9.07 -2.87
N TRP A 224 -2.28 -10.21 -3.56
CA TRP A 224 -2.97 -10.29 -4.84
C TRP A 224 -4.48 -10.36 -4.66
N TRP A 225 -4.96 -11.04 -3.62
CA TRP A 225 -6.36 -10.93 -3.22
C TRP A 225 -6.73 -9.47 -2.99
N ALA A 226 -5.92 -8.78 -2.17
CA ALA A 226 -6.22 -7.39 -1.86
C ALA A 226 -6.25 -6.51 -3.11
N LEU A 227 -5.39 -6.80 -4.09
CA LEU A 227 -5.46 -6.09 -5.37
C LEU A 227 -6.82 -6.26 -6.03
N GLY A 228 -7.37 -7.47 -5.98
CA GLY A 228 -8.71 -7.69 -6.48
C GLY A 228 -9.75 -6.83 -5.79
N VAL A 229 -9.66 -6.73 -4.45
CA VAL A 229 -10.58 -5.88 -3.71
C VAL A 229 -10.42 -4.43 -4.15
N LEU A 230 -9.17 -3.97 -4.28
CA LEU A 230 -8.91 -2.57 -4.66
C LEU A 230 -9.46 -2.27 -6.04
N ILE A 231 -9.18 -3.13 -7.01
CA ILE A 231 -9.67 -2.87 -8.37
C ILE A 231 -11.20 -2.82 -8.37
N TYR A 232 -11.83 -3.78 -7.70
CA TYR A 232 -13.28 -3.76 -7.56
C TYR A 232 -13.77 -2.44 -6.97
N GLU A 233 -13.18 -2.03 -5.84
CA GLU A 233 -13.65 -0.80 -5.20
C GLU A 233 -13.43 0.43 -6.09
N MET A 234 -12.28 0.51 -6.75
CA MET A 234 -12.04 1.64 -7.64
C MET A 234 -13.08 1.70 -8.75
N ALA A 235 -13.41 0.55 -9.35
CA ALA A 235 -14.32 0.54 -10.49
C ALA A 235 -15.80 0.56 -10.09
N ALA A 236 -16.14 0.11 -8.89
CA ALA A 236 -17.52 0.09 -8.42
C ALA A 236 -17.87 1.27 -7.53
N GLY A 237 -16.91 1.73 -6.75
CA GLY A 237 -17.16 2.74 -5.73
C GLY A 237 -17.36 2.17 -4.34
N TYR A 238 -17.40 0.86 -4.20
CA TYR A 238 -17.55 0.19 -2.93
C TYR A 238 -16.86 -1.16 -3.09
N PRO A 239 -16.38 -1.76 -2.00
CA PRO A 239 -15.66 -3.01 -2.13
C PRO A 239 -16.62 -4.20 -2.26
N PRO A 240 -16.08 -5.37 -2.63
CA PRO A 240 -16.94 -6.53 -2.93
C PRO A 240 -17.56 -7.18 -1.70
N PHE A 241 -16.96 -7.02 -0.53
CA PHE A 241 -17.42 -7.63 0.71
C PHE A 241 -17.69 -6.47 1.65
N PHE A 242 -18.96 -6.12 1.76
CA PHE A 242 -19.39 -4.79 2.19
C PHE A 242 -20.48 -5.00 3.24
N ALA A 243 -20.19 -4.61 4.48
CA ALA A 243 -21.14 -4.77 5.59
C ALA A 243 -20.72 -3.84 6.72
N ASP A 244 -21.67 -3.58 7.63
CA ASP A 244 -21.44 -2.59 8.68
C ASP A 244 -20.43 -3.05 9.72
N GLN A 245 -20.38 -4.35 10.03
CA GLN A 245 -19.53 -4.84 11.10
C GLN A 245 -18.47 -5.80 10.57
N PRO A 246 -17.24 -5.76 11.12
CA PRO A 246 -16.21 -6.71 10.65
C PRO A 246 -16.66 -8.17 10.63
N ILE A 247 -17.38 -8.66 11.63
CA ILE A 247 -17.73 -10.08 11.61
C ILE A 247 -18.56 -10.42 10.38
N GLN A 248 -19.44 -9.50 9.96
CA GLN A 248 -20.25 -9.73 8.77
C GLN A 248 -19.41 -9.69 7.51
N ILE A 249 -18.42 -8.79 7.48
CA ILE A 249 -17.50 -8.73 6.36
C ILE A 249 -16.76 -10.07 6.22
N TYR A 250 -16.28 -10.61 7.35
CA TYR A 250 -15.50 -11.84 7.30
C TYR A 250 -16.33 -12.99 6.75
N GLU A 251 -17.61 -13.08 7.16
CA GLU A 251 -18.48 -14.13 6.64
C GLU A 251 -18.61 -14.06 5.13
N LYS A 252 -18.75 -12.84 4.56
CA LYS A 252 -18.86 -12.71 3.12
C LYS A 252 -17.57 -13.12 2.41
N ILE A 253 -16.42 -12.75 2.97
CA ILE A 253 -15.14 -13.04 2.33
C ILE A 253 -14.96 -14.55 2.21
N VAL A 254 -15.24 -15.28 3.28
CA VAL A 254 -14.98 -16.72 3.29
C VAL A 254 -15.98 -17.49 2.44
N SER A 255 -17.16 -16.91 2.16
CA SER A 255 -18.20 -17.64 1.45
C SER A 255 -17.74 -18.11 0.07
N GLY A 256 -16.89 -17.33 -0.61
CA GLY A 256 -16.54 -17.64 -1.97
C GLY A 256 -17.51 -17.09 -3.00
N LYS A 257 -18.24 -16.01 -2.67
CA LYS A 257 -19.26 -15.44 -3.53
C LYS A 257 -18.94 -13.98 -3.77
N VAL A 258 -18.92 -13.56 -5.04
CA VAL A 258 -18.79 -12.16 -5.41
C VAL A 258 -19.79 -11.84 -6.51
N ARG A 259 -20.47 -10.70 -6.36
CA ARG A 259 -21.37 -10.16 -7.35
C ARG A 259 -20.78 -8.85 -7.88
N PHE A 260 -21.03 -8.57 -9.15
CA PHE A 260 -20.42 -7.46 -9.84
C PHE A 260 -21.48 -6.47 -10.33
N PRO A 261 -21.16 -5.18 -10.36
CA PRO A 261 -22.06 -4.21 -11.00
C PRO A 261 -22.27 -4.55 -12.46
N SER A 262 -23.47 -4.22 -12.97
CA SER A 262 -23.79 -4.52 -14.36
C SER A 262 -22.90 -3.76 -15.33
N HIS A 263 -22.25 -2.68 -14.90
CA HIS A 263 -21.38 -1.92 -15.80
C HIS A 263 -19.95 -2.45 -15.88
N PHE A 264 -19.57 -3.43 -15.07
CA PHE A 264 -18.25 -4.05 -15.21
C PHE A 264 -18.14 -4.78 -16.53
N SER A 265 -17.04 -4.53 -17.25
CA SER A 265 -16.74 -5.30 -18.44
C SER A 265 -16.51 -6.76 -18.09
N SER A 266 -16.75 -7.64 -19.07
CA SER A 266 -16.48 -9.05 -18.84
C SER A 266 -14.99 -9.30 -18.59
N ASP A 267 -14.11 -8.55 -19.27
CA ASP A 267 -12.69 -8.70 -19.00
C ASP A 267 -12.37 -8.39 -17.56
N LEU A 268 -12.95 -7.32 -17.02
CA LEU A 268 -12.70 -6.97 -15.62
C LEU A 268 -13.22 -8.06 -14.69
N LYS A 269 -14.44 -8.55 -14.95
CA LYS A 269 -14.98 -9.60 -14.09
C LYS A 269 -14.11 -10.85 -14.12
N ASP A 270 -13.58 -11.21 -15.29
CA ASP A 270 -12.72 -12.39 -15.37
C ASP A 270 -11.47 -12.19 -14.52
N LEU A 271 -10.82 -11.04 -14.64
CA LEU A 271 -9.64 -10.78 -13.82
C LEU A 271 -9.99 -10.87 -12.34
N LEU A 272 -11.10 -10.24 -11.94
CA LEU A 272 -11.44 -10.20 -10.52
C LEU A 272 -11.81 -11.57 -9.98
N ARG A 273 -12.46 -12.42 -10.77
N ARG A 273 -12.46 -12.41 -10.78
CA ARG A 273 -12.74 -13.77 -10.27
CA ARG A 273 -12.75 -13.77 -10.31
C ARG A 273 -11.47 -14.57 -10.05
C ARG A 273 -11.47 -14.55 -10.05
N ASN A 274 -10.41 -14.25 -10.80
CA ASN A 274 -9.15 -14.97 -10.63
C ASN A 274 -8.26 -14.37 -9.54
N LEU A 275 -8.47 -13.11 -9.15
CA LEU A 275 -7.80 -12.54 -7.99
C LEU A 275 -8.55 -12.85 -6.69
N LEU A 276 -9.86 -12.68 -6.70
CA LEU A 276 -10.72 -12.97 -5.55
C LEU A 276 -11.06 -14.44 -5.54
N GLN A 277 -10.03 -15.27 -5.61
CA GLN A 277 -10.14 -16.71 -5.70
C GLN A 277 -9.75 -17.30 -4.34
N VAL A 278 -10.70 -18.00 -3.71
N VAL A 278 -10.70 -17.97 -3.69
CA VAL A 278 -10.44 -18.55 -2.38
CA VAL A 278 -10.42 -18.54 -2.39
C VAL A 278 -9.48 -19.74 -2.44
C VAL A 278 -9.38 -19.64 -2.49
N ASP A 279 -9.43 -20.42 -3.57
CA ASP A 279 -8.55 -21.58 -3.76
C ASP A 279 -7.14 -21.10 -4.14
N LEU A 280 -6.17 -21.28 -3.25
CA LEU A 280 -4.83 -20.76 -3.51
C LEU A 280 -4.13 -21.45 -4.68
N THR A 281 -4.54 -22.66 -5.04
CA THR A 281 -3.97 -23.32 -6.22
C THR A 281 -4.50 -22.70 -7.51
N LYS A 282 -5.44 -21.76 -7.42
CA LYS A 282 -6.01 -21.14 -8.61
C LYS A 282 -5.88 -19.63 -8.64
N ARG A 283 -5.39 -18.99 -7.58
CA ARG A 283 -5.40 -17.53 -7.51
C ARG A 283 -4.29 -16.93 -8.35
N PHE A 284 -4.66 -15.98 -9.22
CA PHE A 284 -3.66 -15.29 -10.01
C PHE A 284 -2.66 -14.58 -9.11
N GLY A 285 -1.41 -14.59 -9.54
CA GLY A 285 -0.30 -14.13 -8.74
C GLY A 285 0.37 -15.24 -7.98
N ASN A 286 -0.31 -16.37 -7.80
CA ASN A 286 0.16 -17.46 -6.98
C ASN A 286 0.41 -18.73 -7.77
N LEU A 287 0.39 -18.65 -9.11
CA LEU A 287 0.53 -19.82 -9.97
C LEU A 287 1.95 -19.87 -10.53
N LYS A 288 2.19 -20.87 -11.37
CA LYS A 288 3.55 -21.08 -11.88
C LYS A 288 4.06 -19.87 -12.64
N ASN A 289 3.19 -19.16 -13.35
N ASN A 289 3.17 -19.17 -13.35
CA ASN A 289 3.60 -17.99 -14.11
CA ASN A 289 3.53 -17.99 -14.14
C ASN A 289 3.55 -16.71 -13.30
C ASN A 289 3.61 -16.72 -13.29
N GLY A 290 3.30 -16.80 -11.99
CA GLY A 290 3.48 -15.66 -11.11
C GLY A 290 2.69 -14.44 -11.54
N VAL A 291 3.36 -13.28 -11.48
N VAL A 291 3.34 -13.26 -11.45
CA VAL A 291 2.71 -12.01 -11.78
CA VAL A 291 2.66 -12.01 -11.77
C VAL A 291 2.25 -11.96 -13.23
C VAL A 291 2.34 -11.88 -13.25
N ASN A 292 2.91 -12.72 -14.11
CA ASN A 292 2.60 -12.58 -15.52
C ASN A 292 1.18 -13.02 -15.87
N ASP A 293 0.54 -13.86 -15.05
CA ASP A 293 -0.87 -14.14 -15.30
C ASP A 293 -1.71 -12.87 -15.17
N ILE A 294 -1.29 -11.95 -14.30
CA ILE A 294 -1.98 -10.69 -14.16
C ILE A 294 -1.58 -9.72 -15.27
N LYS A 295 -0.28 -9.55 -15.49
CA LYS A 295 0.18 -8.54 -16.43
C LYS A 295 -0.26 -8.86 -17.86
N ASN A 296 -0.44 -10.14 -18.18
CA ASN A 296 -0.84 -10.57 -19.51
C ASN A 296 -2.34 -10.81 -19.65
N HIS A 297 -3.12 -10.53 -18.61
CA HIS A 297 -4.56 -10.66 -18.69
C HIS A 297 -5.14 -9.66 -19.68
N LYS A 298 -6.25 -10.06 -20.33
CA LYS A 298 -6.90 -9.20 -21.31
C LYS A 298 -7.22 -7.81 -20.79
N TRP A 299 -7.63 -7.69 -19.52
CA TRP A 299 -7.99 -6.37 -19.00
C TRP A 299 -6.82 -5.41 -19.03
N PHE A 300 -5.58 -5.91 -19.01
CA PHE A 300 -4.39 -5.08 -19.07
C PHE A 300 -3.77 -5.04 -20.47
N ALA A 301 -4.52 -5.45 -21.50
CA ALA A 301 -3.92 -5.54 -22.83
C ALA A 301 -3.41 -4.20 -23.34
N THR A 302 -4.06 -3.09 -22.98
CA THR A 302 -3.63 -1.77 -23.42
C THR A 302 -2.55 -1.16 -22.55
N THR A 303 -2.13 -1.84 -21.48
CA THR A 303 -1.16 -1.28 -20.55
C THR A 303 0.25 -1.48 -21.06
N ASP A 304 0.99 -0.38 -21.18
CA ASP A 304 2.43 -0.40 -21.49
C ASP A 304 3.16 -0.40 -20.15
N TRP A 305 3.56 -1.59 -19.69
CA TRP A 305 4.12 -1.74 -18.35
C TRP A 305 5.38 -0.90 -18.16
N ILE A 306 6.26 -0.89 -19.17
CA ILE A 306 7.48 -0.11 -19.03
C ILE A 306 7.16 1.38 -19.02
N ALA A 307 6.19 1.81 -19.84
CA ALA A 307 5.84 3.22 -19.87
C ALA A 307 5.22 3.68 -18.56
N ILE A 308 4.46 2.81 -17.90
CA ILE A 308 3.93 3.14 -16.57
C ILE A 308 5.09 3.31 -15.59
N TYR A 309 6.02 2.35 -15.59
CA TYR A 309 7.17 2.42 -14.70
C TYR A 309 7.97 3.69 -14.91
N GLN A 310 8.21 4.04 -16.18
CA GLN A 310 8.96 5.25 -16.50
C GLN A 310 8.11 6.51 -16.35
N ARG A 311 6.82 6.38 -16.00
CA ARG A 311 5.94 7.51 -15.78
C ARG A 311 5.73 8.33 -17.05
N LYS A 312 5.69 7.63 -18.19
CA LYS A 312 5.51 8.25 -19.50
C LYS A 312 4.05 8.38 -19.90
N VAL A 313 3.14 7.71 -19.19
CA VAL A 313 1.73 7.67 -19.54
C VAL A 313 1.03 8.88 -18.93
N GLU A 314 0.18 9.54 -19.72
CA GLU A 314 -0.58 10.66 -19.20
C GLU A 314 -1.58 10.19 -18.16
N ALA A 315 -1.56 10.84 -16.98
CA ALA A 315 -2.43 10.41 -15.89
C ALA A 315 -3.86 10.87 -16.12
N PRO A 316 -4.85 10.11 -15.63
CA PRO A 316 -6.25 10.50 -15.86
C PRO A 316 -6.69 11.69 -15.03
N PHE A 317 -5.96 12.00 -13.96
CA PHE A 317 -6.35 13.04 -13.01
C PHE A 317 -5.09 13.65 -12.43
N ILE A 318 -4.95 14.97 -12.54
CA ILE A 318 -3.85 15.71 -11.94
C ILE A 318 -4.42 16.55 -10.79
N PRO A 319 -4.00 16.36 -9.55
CA PRO A 319 -4.55 17.17 -8.46
C PRO A 319 -4.12 18.62 -8.58
N LYS A 320 -5.00 19.51 -8.11
CA LYS A 320 -4.67 20.93 -8.05
C LYS A 320 -3.78 21.20 -6.85
N PHE A 321 -2.75 22.02 -7.07
CA PHE A 321 -1.81 22.39 -6.03
C PHE A 321 -1.64 23.89 -6.06
N LYS A 322 -1.79 24.53 -4.90
CA LYS A 322 -1.69 25.98 -4.79
C LYS A 322 -0.29 26.45 -4.45
N GLY A 323 0.63 25.52 -4.17
CA GLY A 323 1.99 25.88 -3.84
C GLY A 323 2.57 24.96 -2.79
N PRO A 324 3.85 25.12 -2.49
CA PRO A 324 4.48 24.26 -1.48
C PRO A 324 3.76 24.38 -0.14
N GLY A 325 3.56 23.22 0.50
CA GLY A 325 2.89 23.15 1.78
C GLY A 325 1.38 23.24 1.73
N ASP A 326 0.79 23.33 0.55
CA ASP A 326 -0.66 23.35 0.43
C ASP A 326 -1.24 22.01 0.87
N THR A 327 -2.26 22.07 1.75
CA THR A 327 -2.91 20.88 2.28
C THR A 327 -4.36 20.75 1.82
N SER A 328 -4.75 21.48 0.77
CA SER A 328 -6.16 21.53 0.38
C SER A 328 -6.73 20.19 -0.03
N ASN A 329 -5.89 19.23 -0.42
CA ASN A 329 -6.39 17.94 -0.88
C ASN A 329 -6.53 16.93 0.24
N PHE A 330 -6.29 17.33 1.49
CA PHE A 330 -6.46 16.46 2.64
C PHE A 330 -7.62 16.95 3.50
N ASP A 331 -8.25 16.01 4.19
CA ASP A 331 -9.32 16.32 5.12
C ASP A 331 -8.73 16.90 6.41
N ASP A 332 -9.61 17.53 7.20
CA ASP A 332 -9.20 18.13 8.47
C ASP A 332 -9.36 17.14 9.61
N TYR A 333 -8.47 17.27 10.61
CA TYR A 333 -8.46 16.40 11.77
C TYR A 333 -8.28 17.24 13.01
N GLU A 334 -8.70 16.70 14.15
CA GLU A 334 -8.49 17.35 15.43
C GLU A 334 -6.99 17.42 15.72
N GLU A 335 -6.52 18.59 16.11
CA GLU A 335 -5.11 18.79 16.42
C GLU A 335 -4.89 18.56 17.91
N GLU A 336 -3.79 17.91 18.24
CA GLU A 336 -3.41 17.66 19.63
C GLU A 336 -1.92 17.94 19.77
N GLU A 337 -1.57 18.78 20.75
CA GLU A 337 -0.18 19.17 20.92
C GLU A 337 0.68 17.95 21.24
N ILE A 338 1.90 17.95 20.69
CA ILE A 338 2.85 16.87 20.91
C ILE A 338 3.60 17.16 22.20
N ARG A 339 3.43 16.27 23.20
CA ARG A 339 4.08 16.43 24.49
C ARG A 339 5.18 15.38 24.63
N VAL A 340 6.39 15.84 24.94
CA VAL A 340 7.52 14.94 25.14
C VAL A 340 7.86 14.85 26.63
N ILE A 342 9.60 13.95 30.28
CA ILE A 342 10.96 14.17 30.76
C ILE A 342 11.66 12.83 31.01
N ASN A 343 10.89 11.74 31.02
CA ASN A 343 11.42 10.40 31.24
C ASN A 343 11.27 9.55 29.97
N GLU A 344 12.30 8.76 29.67
CA GLU A 344 12.27 7.88 28.51
C GLU A 344 11.26 6.76 28.74
N LYS A 345 10.40 6.53 27.74
CA LYS A 345 9.38 5.50 27.82
C LYS A 345 9.74 4.36 26.86
N CYS A 346 9.63 3.13 27.34
CA CYS A 346 9.77 1.94 26.49
C CYS A 346 11.11 1.93 25.76
N GLY A 347 12.17 2.34 26.46
CA GLY A 347 13.48 2.39 25.82
C GLY A 347 13.93 1.05 25.28
N LYS A 348 13.73 -0.01 26.06
CA LYS A 348 14.23 -1.33 25.66
C LYS A 348 13.39 -1.92 24.54
N GLU A 349 12.08 -1.70 24.57
CA GLU A 349 11.21 -2.27 23.54
C GLU A 349 11.43 -1.66 22.16
N PHE A 350 12.16 -0.55 22.06
CA PHE A 350 12.37 0.12 20.78
C PHE A 350 13.84 0.47 20.55
N THR A 351 14.75 -0.34 21.11
CA THR A 351 16.18 -0.07 20.96
C THR A 351 16.58 0.01 19.49
N GLU A 352 16.09 -0.92 18.67
CA GLU A 352 16.55 -1.04 17.29
C GLU A 352 16.02 0.06 16.38
N PHE A 353 15.10 0.89 16.85
CA PHE A 353 14.49 1.90 15.99
C PHE A 353 15.43 3.09 15.76
N ALA B 2 -27.24 -2.90 0.62
CA ALA B 2 -25.92 -2.37 0.31
C ALA B 2 -25.39 -1.49 1.44
N ALA B 3 -25.64 -1.90 2.69
CA ALA B 3 -25.16 -1.15 3.85
C ALA B 3 -23.75 -1.62 4.18
N GLY B 4 -22.81 -0.69 4.21
CA GLY B 4 -21.44 -1.02 4.56
C GLY B 4 -20.70 0.23 4.96
N ARG B 5 -19.41 0.06 5.25
CA ARG B 5 -18.63 1.15 5.82
C ARG B 5 -18.14 2.07 4.72
N THR B 6 -18.51 3.35 4.80
CA THR B 6 -18.15 4.31 3.76
C THR B 6 -17.04 5.27 4.15
N GLY B 7 -16.73 5.37 5.44
CA GLY B 7 -15.63 6.21 5.88
C GLY B 7 -14.30 5.47 5.90
N ARG B 8 -13.26 6.18 6.36
CA ARG B 8 -11.94 5.57 6.43
C ARG B 8 -11.96 4.37 7.36
N ARG B 9 -11.23 3.33 6.96
CA ARG B 9 -11.24 2.03 7.64
C ARG B 9 -9.92 1.81 8.34
N GLN B 10 -9.99 1.53 9.64
CA GLN B 10 -8.79 1.28 10.42
C GLN B 10 -8.32 -0.16 10.24
N ALA B 11 -7.01 -0.32 10.17
CA ALA B 11 -6.47 -1.67 10.16
C ALA B 11 -6.43 -2.21 11.58
N ILE B 12 -6.39 -3.53 11.68
CA ILE B 12 -6.36 -4.22 12.96
C ILE B 12 -5.03 -4.97 13.05
N HIS B 13 -4.31 -4.80 14.15
CA HIS B 13 -3.01 -5.45 14.27
C HIS B 13 -3.08 -6.88 14.77
N ASP B 14 -4.15 -7.28 15.47
CA ASP B 14 -4.22 -8.59 16.09
C ASP B 14 -5.65 -9.14 15.99
N ILE B 15 -5.93 -10.20 16.75
CA ILE B 15 -7.27 -10.82 16.78
C ILE B 15 -7.81 -11.06 15.37
#